data_4MEM
#
_entry.id   4MEM
#
_cell.length_a   37.285
_cell.length_b   80.156
_cell.length_c   149.269
_cell.angle_alpha   90.00
_cell.angle_beta   90.00
_cell.angle_gamma   90.00
#
_symmetry.space_group_name_H-M   'P 2 21 21'
#
loop_
_entity.id
_entity.type
_entity.pdbx_description
1 polymer 'Ubiquitin carboxyl-terminal hydrolase 11'
2 water water
#
_entity_poly.entity_id   1
_entity_poly.type   'polypeptide(L)'
_entity_poly.pdbx_seq_one_letter_code
;MDRETQPEAMPDLDQQWRQIGNGRERPLRAGESWFLVEKHWYKQWEAYVKGGDQDASTFPGSINNSGLFEDQISWHLRER
LVEGDDYVLLPAPAWNYLVSWYGLKDDQPPIERKVIELPGIRKVEVYPIELLLVQHSDMETALTIQFSYSDSVDLVLQTA
REQFLVEPQEDTRLWTKNSEGSLDRLCNTQITLLDACLETGQLVIMETRNKDGTWPSAQLEHHHHHH
;
_entity_poly.pdbx_strand_id   A,B
#
# COMPACT_ATOMS: atom_id res chain seq x y z
N ALA A 9 19.54 31.34 35.56
CA ALA A 9 18.47 31.87 34.71
C ALA A 9 17.38 30.83 34.48
N MET A 10 17.20 29.93 35.46
CA MET A 10 16.21 28.87 35.37
C MET A 10 14.90 29.24 36.06
N PRO A 11 13.77 29.09 35.34
CA PRO A 11 12.43 29.47 35.80
C PRO A 11 11.92 28.69 37.00
N ASP A 12 10.83 29.19 37.56
CA ASP A 12 10.10 28.53 38.64
C ASP A 12 9.71 27.12 38.23
N LEU A 13 9.47 26.26 39.22
CA LEU A 13 9.01 24.91 38.94
C LEU A 13 7.62 24.99 38.31
N ASP A 14 6.80 25.89 38.87
CA ASP A 14 5.47 26.15 38.33
C ASP A 14 5.50 26.55 36.86
N GLN A 15 6.42 27.44 36.51
CA GLN A 15 6.53 27.92 35.15
C GLN A 15 6.99 26.82 34.23
N GLN A 16 7.94 26.01 34.69
CA GLN A 16 8.44 24.90 33.89
C GLN A 16 7.33 23.92 33.58
N TRP A 17 6.58 23.54 34.60
CA TRP A 17 5.47 22.60 34.43
C TRP A 17 4.46 23.10 33.41
N ARG A 18 4.06 24.35 33.59
CA ARG A 18 3.04 24.94 32.72
C ARG A 18 3.56 25.15 31.31
N GLN A 19 4.80 25.62 31.19
CA GLN A 19 5.37 25.96 29.89
C GLN A 19 5.64 24.71 29.06
N ILE A 20 6.11 23.65 29.71
CA ILE A 20 6.41 22.41 29.02
C ILE A 20 5.12 21.64 28.73
N GLY A 21 4.22 21.60 29.71
CA GLY A 21 2.95 20.93 29.54
C GLY A 21 2.11 21.56 28.45
N ASN A 22 2.04 22.89 28.44
CA ASN A 22 1.34 23.61 27.40
C ASN A 22 2.01 23.40 26.05
N GLY A 23 3.33 23.19 26.08
CA GLY A 23 4.08 22.85 24.90
C GLY A 23 3.55 21.56 24.29
N ARG A 24 3.31 20.56 25.13
CA ARG A 24 2.82 19.28 24.66
C ARG A 24 1.48 19.42 23.94
N GLU A 25 0.72 20.47 24.27
CA GLU A 25 -0.57 20.71 23.63
C GLU A 25 -0.43 21.56 22.38
N ARG A 26 0.62 21.36 21.59
CA ARG A 26 0.79 22.20 20.40
C ARG A 26 0.31 21.43 19.19
N PRO A 27 -0.49 22.08 18.34
CA PRO A 27 -1.03 21.38 17.18
C PRO A 27 0.04 21.05 16.17
N LEU A 28 -0.13 19.94 15.47
CA LEU A 28 0.83 19.50 14.49
C LEU A 28 0.76 20.35 13.23
N ARG A 29 1.91 20.92 12.86
CA ARG A 29 2.01 21.68 11.61
C ARG A 29 3.14 21.11 10.77
N ALA A 30 2.88 20.92 9.48
CA ALA A 30 3.82 20.30 8.56
C ALA A 30 5.17 21.03 8.55
N GLY A 31 6.25 20.27 8.67
CA GLY A 31 7.58 20.82 8.61
C GLY A 31 8.13 21.24 9.97
N GLU A 32 7.29 21.25 10.99
CA GLU A 32 7.74 21.66 12.31
C GLU A 32 8.50 20.53 13.00
N SER A 33 9.53 20.89 13.76
CA SER A 33 10.32 19.92 14.50
C SER A 33 9.77 19.63 15.90
N TRP A 34 9.68 18.34 16.21
CA TRP A 34 9.39 17.88 17.56
C TRP A 34 10.56 17.04 18.06
N PHE A 35 10.65 16.85 19.37
CA PHE A 35 11.77 16.15 19.99
C PHE A 35 11.32 15.08 20.98
N LEU A 36 12.03 13.96 20.99
CA LEU A 36 11.70 12.86 21.90
C LEU A 36 12.40 13.04 23.24
N VAL A 37 11.69 12.74 24.32
CA VAL A 37 12.28 12.78 25.65
C VAL A 37 12.00 11.43 26.31
N GLU A 38 13.06 10.78 26.79
CA GLU A 38 12.91 9.47 27.40
C GLU A 38 11.97 9.57 28.59
N LYS A 39 11.08 8.59 28.69
CA LYS A 39 10.00 8.61 29.67
C LYS A 39 10.52 8.72 31.11
N HIS A 40 11.55 7.94 31.43
CA HIS A 40 12.10 7.95 32.78
C HIS A 40 12.57 9.33 33.20
N TRP A 41 13.32 9.98 32.32
CA TRP A 41 13.83 11.31 32.62
C TRP A 41 12.68 12.29 32.80
N TYR A 42 11.68 12.21 31.91
CA TYR A 42 10.54 13.12 31.96
C TYR A 42 9.76 12.94 33.25
N LYS A 43 9.66 11.70 33.73
CA LYS A 43 8.94 11.45 34.98
C LYS A 43 9.74 12.03 36.14
N GLN A 44 11.06 11.93 36.08
CA GLN A 44 11.89 12.50 37.13
C GLN A 44 11.81 14.02 37.14
N TRP A 45 11.83 14.63 35.96
CA TRP A 45 11.65 16.07 35.83
C TRP A 45 10.30 16.49 36.39
N GLU A 46 9.28 15.72 36.04
CA GLU A 46 7.92 15.96 36.51
C GLU A 46 7.85 15.87 38.04
N ALA A 47 8.51 14.86 38.60
CA ALA A 47 8.57 14.69 40.04
C ALA A 47 9.22 15.90 40.70
N TYR A 48 10.33 16.35 40.12
CA TYR A 48 11.06 17.49 40.64
C TYR A 48 10.21 18.76 40.60
N VAL A 49 9.57 18.99 39.47
CA VAL A 49 8.78 20.19 39.25
C VAL A 49 7.51 20.22 40.12
N LYS A 50 6.91 19.06 40.34
CA LYS A 50 5.71 18.98 41.17
C LYS A 50 6.04 18.96 42.66
N GLY A 51 7.30 18.70 42.99
CA GLY A 51 7.75 18.68 44.37
C GLY A 51 7.56 20.01 45.08
N GLY A 52 7.69 21.11 44.34
CA GLY A 52 7.51 22.44 44.92
C GLY A 52 8.74 23.01 45.59
N ASP A 53 9.85 22.27 45.52
CA ASP A 53 11.11 22.69 46.12
C ASP A 53 12.26 22.69 45.11
N GLN A 54 12.80 23.87 44.82
CA GLN A 54 13.84 24.00 43.82
C GLN A 54 15.15 23.37 44.27
N ASP A 55 15.29 23.13 45.57
CA ASP A 55 16.54 22.60 46.10
C ASP A 55 16.43 21.11 46.42
N ALA A 56 15.36 20.49 45.97
CA ALA A 56 15.13 19.08 46.28
C ALA A 56 16.12 18.17 45.54
N SER A 57 16.40 17.02 46.13
CA SER A 57 17.33 16.08 45.52
C SER A 57 16.72 15.39 44.31
N THR A 58 15.44 15.65 44.06
CA THR A 58 14.73 15.08 42.92
C THR A 58 15.13 15.74 41.60
N PHE A 59 16.09 16.67 41.67
CA PHE A 59 16.56 17.34 40.46
C PHE A 59 16.98 16.32 39.40
N PRO A 60 16.33 16.36 38.22
CA PRO A 60 16.47 15.32 37.19
C PRO A 60 17.83 15.23 36.51
N GLY A 61 18.63 16.29 36.56
CA GLY A 61 19.90 16.32 35.88
C GLY A 61 19.73 16.54 34.39
N SER A 62 20.81 16.39 33.64
CA SER A 62 20.77 16.61 32.19
C SER A 62 19.81 15.64 31.53
N ILE A 63 19.20 16.08 30.44
CA ILE A 63 18.25 15.26 29.69
C ILE A 63 18.97 14.02 29.18
N ASN A 64 18.46 12.85 29.57
CA ASN A 64 19.08 11.59 29.23
C ASN A 64 18.19 10.68 28.40
N ASN A 65 18.51 10.57 27.10
CA ASN A 65 17.74 9.74 26.19
C ASN A 65 18.45 8.43 25.84
N SER A 66 19.33 7.97 26.72
CA SER A 66 20.13 6.76 26.49
C SER A 66 19.31 5.51 26.13
N GLY A 67 18.19 5.33 26.82
CA GLY A 67 17.36 4.16 26.60
C GLY A 67 16.66 4.15 25.25
N LEU A 68 16.72 5.26 24.54
CA LEU A 68 16.07 5.38 23.25
C LEU A 68 17.00 5.04 22.09
N PHE A 69 18.29 4.98 22.37
CA PHE A 69 19.27 4.74 21.31
C PHE A 69 19.62 3.27 21.12
N GLU A 70 19.75 2.85 19.85
CA GLU A 70 20.23 1.51 19.52
C GLU A 70 21.67 1.38 19.95
N ASP A 71 22.50 2.28 19.43
CA ASP A 71 23.93 2.30 19.68
C ASP A 71 24.37 3.76 19.83
N GLN A 72 25.41 4.00 20.61
CA GLN A 72 25.85 5.37 20.88
C GLN A 72 26.99 5.79 19.97
N ILE A 73 26.98 5.25 18.75
CA ILE A 73 27.98 5.60 17.75
C ILE A 73 27.30 6.26 16.56
N SER A 74 26.18 5.69 16.13
CA SER A 74 25.43 6.27 15.01
C SER A 74 24.17 6.96 15.52
N TRP A 75 23.85 6.70 16.79
CA TRP A 75 22.71 7.32 17.45
C TRP A 75 21.40 7.07 16.69
N HIS A 76 21.17 5.81 16.34
CA HIS A 76 19.93 5.42 15.70
C HIS A 76 18.91 5.15 16.79
N LEU A 77 17.63 5.29 16.46
CA LEU A 77 16.60 5.06 17.45
C LEU A 77 16.33 3.57 17.52
N ARG A 78 16.11 3.06 18.73
CA ARG A 78 15.65 1.69 18.88
C ARG A 78 14.33 1.52 18.14
N GLU A 79 14.09 0.33 17.62
CA GLU A 79 12.86 0.09 16.88
C GLU A 79 11.69 -0.15 17.83
N ARG A 80 10.48 0.08 17.34
CA ARG A 80 9.26 -0.26 18.08
C ARG A 80 9.10 0.51 19.39
N LEU A 81 9.58 1.75 19.40
CA LEU A 81 9.38 2.63 20.54
C LEU A 81 7.97 3.21 20.47
N VAL A 82 7.28 3.23 21.60
CA VAL A 82 5.90 3.70 21.64
C VAL A 82 5.72 4.99 22.42
N GLU A 83 5.07 5.96 21.79
CA GLU A 83 4.81 7.23 22.45
C GLU A 83 3.92 7.01 23.66
N GLY A 84 4.28 7.61 24.78
CA GLY A 84 3.53 7.45 26.01
C GLY A 84 4.13 6.40 26.93
N ASP A 85 4.78 5.39 26.34
CA ASP A 85 5.43 4.35 27.14
C ASP A 85 6.94 4.58 27.23
N ASP A 86 7.57 4.85 26.10
CA ASP A 86 9.03 4.96 26.07
C ASP A 86 9.49 6.39 26.00
N TYR A 87 8.68 7.25 25.38
CA TYR A 87 9.07 8.65 25.22
C TYR A 87 7.88 9.60 25.23
N VAL A 88 8.19 10.88 25.41
CA VAL A 88 7.24 11.98 25.35
C VAL A 88 7.72 12.92 24.25
N LEU A 89 6.80 13.51 23.51
CA LEU A 89 7.18 14.45 22.45
C LEU A 89 6.99 15.89 22.89
N LEU A 90 8.00 16.73 22.66
CA LEU A 90 7.91 18.16 22.93
C LEU A 90 8.23 18.91 21.65
N PRO A 91 7.50 20.01 21.39
CA PRO A 91 7.79 20.85 20.23
C PRO A 91 9.15 21.50 20.34
N ALA A 92 9.71 21.96 19.24
CA ALA A 92 11.02 22.61 19.22
C ALA A 92 11.21 23.71 20.27
N PRO A 93 10.24 24.64 20.42
CA PRO A 93 10.50 25.68 21.43
C PRO A 93 10.54 25.12 22.85
N ALA A 94 9.60 24.23 23.17
CA ALA A 94 9.57 23.60 24.49
C ALA A 94 10.85 22.83 24.75
N TRP A 95 11.30 22.11 23.74
CA TRP A 95 12.55 21.37 23.80
C TRP A 95 13.74 22.28 24.08
N ASN A 96 13.80 23.40 23.35
CA ASN A 96 14.89 24.36 23.51
C ASN A 96 14.96 24.92 24.92
N TYR A 97 13.79 25.18 25.50
CA TYR A 97 13.72 25.61 26.89
C TYR A 97 14.28 24.56 27.84
N LEU A 98 13.79 23.33 27.68
CA LEU A 98 14.23 22.22 28.52
C LEU A 98 15.74 22.02 28.45
N VAL A 99 16.28 22.08 27.24
CA VAL A 99 17.71 21.96 27.02
C VAL A 99 18.48 23.09 27.69
N SER A 100 18.00 24.32 27.53
CA SER A 100 18.66 25.48 28.13
C SER A 100 18.75 25.35 29.65
N TRP A 101 17.74 24.73 30.25
CA TRP A 101 17.64 24.62 31.68
C TRP A 101 18.50 23.49 32.25
N TYR A 102 18.49 22.33 31.60
CA TYR A 102 19.09 21.12 32.17
C TYR A 102 20.28 20.56 31.37
N GLY A 103 20.38 20.93 30.11
CA GLY A 103 21.47 20.48 29.26
C GLY A 103 21.27 19.05 28.81
N LEU A 104 22.17 18.60 27.94
CA LEU A 104 22.13 17.23 27.43
C LEU A 104 23.17 16.37 28.11
N LYS A 105 22.79 15.13 28.41
CA LYS A 105 23.67 14.16 29.06
C LYS A 105 24.84 13.76 28.18
N ASP A 106 26.05 13.93 28.70
CA ASP A 106 27.28 13.52 28.02
C ASP A 106 27.35 14.08 26.60
N ASP A 107 27.51 13.19 25.63
CA ASP A 107 27.61 13.62 24.23
C ASP A 107 26.37 13.27 23.43
N GLN A 108 25.26 13.05 24.12
CA GLN A 108 24.03 12.69 23.44
C GLN A 108 23.50 13.80 22.54
N PRO A 109 23.12 13.44 21.32
CA PRO A 109 22.50 14.39 20.39
C PRO A 109 21.01 14.50 20.66
N PRO A 110 20.40 15.62 20.30
CA PRO A 110 18.94 15.72 20.38
C PRO A 110 18.30 14.80 19.35
N ILE A 111 17.13 14.25 19.66
CA ILE A 111 16.41 13.40 18.72
C ILE A 111 15.32 14.21 18.02
N GLU A 112 15.68 14.81 16.89
CA GLU A 112 14.77 15.69 16.18
C GLU A 112 14.02 14.99 15.06
N ARG A 113 12.69 15.09 15.09
CA ARG A 113 11.86 14.48 14.06
C ARG A 113 10.89 15.53 13.52
N LYS A 114 10.52 15.38 12.25
CA LYS A 114 9.66 16.33 11.56
C LYS A 114 8.19 15.91 11.53
N VAL A 115 7.29 16.89 11.52
CA VAL A 115 5.88 16.61 11.31
C VAL A 115 5.70 16.44 9.81
N ILE A 116 5.11 15.32 9.39
CA ILE A 116 4.88 15.09 7.98
C ILE A 116 3.40 14.95 7.69
N GLU A 117 3.06 15.12 6.42
CA GLU A 117 1.67 15.00 6.01
C GLU A 117 1.49 13.79 5.08
N LEU A 118 0.63 12.87 5.45
CA LEU A 118 0.29 11.73 4.60
C LEU A 118 -1.17 11.92 4.21
N PRO A 119 -1.62 11.26 3.12
CA PRO A 119 -3.03 11.43 2.76
C PRO A 119 -3.93 10.95 3.88
N GLY A 120 -4.60 11.89 4.54
CA GLY A 120 -5.53 11.56 5.60
C GLY A 120 -4.97 11.70 6.99
N ILE A 121 -3.66 11.90 7.10
CA ILE A 121 -3.07 12.03 8.42
C ILE A 121 -1.81 12.90 8.48
N ARG A 122 -1.67 13.60 9.61
CA ARG A 122 -0.55 14.45 9.90
C ARG A 122 0.10 13.88 11.16
N LYS A 123 1.40 13.63 11.13
CA LYS A 123 2.04 13.04 12.30
C LYS A 123 3.51 13.36 12.43
N VAL A 124 4.03 13.27 13.66
CA VAL A 124 5.45 13.40 13.86
C VAL A 124 6.08 12.10 13.37
N GLU A 125 6.92 12.19 12.35
CA GLU A 125 7.54 10.99 11.80
C GLU A 125 8.75 10.58 12.63
N VAL A 126 8.52 9.69 13.58
CA VAL A 126 9.58 9.21 14.46
C VAL A 126 10.56 8.31 13.69
N TYR A 127 10.08 7.51 12.76
CA TYR A 127 10.99 6.66 11.99
C TYR A 127 10.95 6.99 10.51
N PRO A 128 11.82 7.90 10.07
CA PRO A 128 12.05 8.21 8.65
C PRO A 128 12.79 7.07 7.96
N ILE A 129 12.71 7.03 6.63
CA ILE A 129 13.35 5.99 5.86
C ILE A 129 14.80 6.40 5.53
N GLU A 130 15.71 5.43 5.57
CA GLU A 130 17.08 5.64 5.15
C GLU A 130 17.33 4.94 3.82
N LEU A 131 17.86 5.65 2.83
CA LEU A 131 18.12 5.04 1.54
C LEU A 131 19.62 5.01 1.22
N LEU A 132 20.07 3.92 0.62
CA LEU A 132 21.46 3.82 0.17
C LEU A 132 21.54 4.23 -1.29
N LEU A 133 21.91 5.48 -1.52
CA LEU A 133 22.00 6.02 -2.87
C LEU A 133 23.39 5.80 -3.46
N VAL A 134 23.42 5.27 -4.68
CA VAL A 134 24.67 5.01 -5.38
C VAL A 134 24.56 5.43 -6.84
N GLN A 135 25.59 6.08 -7.36
CA GLN A 135 25.63 6.38 -8.79
C GLN A 135 26.06 5.14 -9.56
N HIS A 136 25.33 4.85 -10.64
CA HIS A 136 25.58 3.69 -11.48
C HIS A 136 26.99 3.74 -12.06
N SER A 137 27.45 4.95 -12.36
CA SER A 137 28.75 5.18 -12.95
C SER A 137 29.83 5.52 -11.91
N ASP A 138 29.49 5.46 -10.63
CA ASP A 138 30.47 5.68 -9.56
C ASP A 138 30.08 4.90 -8.31
N MET A 139 30.21 3.58 -8.40
CA MET A 139 29.67 2.67 -7.39
C MET A 139 30.47 2.60 -6.10
N GLU A 140 31.71 3.09 -6.12
CA GLU A 140 32.51 3.16 -4.90
CA GLU A 140 32.50 3.16 -4.90
C GLU A 140 31.91 4.17 -3.92
N THR A 141 31.23 5.18 -4.46
CA THR A 141 30.68 6.26 -3.65
C THR A 141 29.20 6.05 -3.29
N ALA A 142 28.96 5.46 -2.12
CA ALA A 142 27.61 5.23 -1.65
C ALA A 142 27.24 6.14 -0.49
N LEU A 143 26.14 6.87 -0.65
CA LEU A 143 25.66 7.79 0.38
C LEU A 143 24.39 7.27 1.05
N THR A 144 24.39 7.27 2.38
CA THR A 144 23.20 6.94 3.15
C THR A 144 22.44 8.22 3.46
N ILE A 145 21.29 8.40 2.81
CA ILE A 145 20.53 9.63 2.96
C ILE A 145 19.17 9.35 3.59
N GLN A 146 18.78 10.21 4.52
CA GLN A 146 17.52 10.06 5.24
C GLN A 146 16.41 10.88 4.59
N PHE A 147 15.29 10.22 4.32
CA PHE A 147 14.13 10.85 3.71
C PHE A 147 12.89 10.61 4.55
N SER A 148 11.78 11.22 4.14
CA SER A 148 10.50 10.94 4.74
C SER A 148 9.70 9.98 3.85
N TYR A 149 8.85 9.16 4.45
CA TYR A 149 8.02 8.26 3.66
C TYR A 149 7.03 9.03 2.79
N SER A 150 6.77 10.28 3.19
CA SER A 150 5.86 11.15 2.46
C SER A 150 6.57 11.83 1.30
N ASP A 151 7.89 11.80 1.30
CA ASP A 151 8.67 12.42 0.23
C ASP A 151 8.42 11.70 -1.08
N SER A 152 8.58 12.43 -2.18
CA SER A 152 8.39 11.87 -3.50
C SER A 152 9.68 11.24 -4.02
N VAL A 153 9.55 10.40 -5.03
CA VAL A 153 10.69 9.82 -5.69
C VAL A 153 11.47 10.95 -6.37
N ASP A 154 10.77 11.95 -6.87
CA ASP A 154 11.44 13.06 -7.53
C ASP A 154 12.33 13.81 -6.55
N LEU A 155 11.88 13.91 -5.29
CA LEU A 155 12.66 14.57 -4.26
C LEU A 155 13.92 13.79 -3.95
N VAL A 156 13.79 12.46 -3.93
CA VAL A 156 14.96 11.59 -3.79
C VAL A 156 15.92 11.85 -4.94
N LEU A 157 15.38 12.00 -6.14
CA LEU A 157 16.19 12.22 -7.33
C LEU A 157 17.00 13.52 -7.27
N GLN A 158 16.36 14.64 -6.90
CA GLN A 158 17.09 15.91 -6.82
C GLN A 158 18.11 15.92 -5.68
N THR A 159 17.70 15.38 -4.53
CA THR A 159 18.61 15.28 -3.40
C THR A 159 19.86 14.48 -3.79
N ALA A 160 19.67 13.38 -4.51
CA ALA A 160 20.79 12.58 -4.99
C ALA A 160 21.64 13.38 -5.96
N ARG A 161 20.97 14.15 -6.83
CA ARG A 161 21.65 14.95 -7.83
C ARG A 161 22.58 15.96 -7.19
N GLU A 162 22.11 16.62 -6.14
CA GLU A 162 22.92 17.66 -5.52
C GLU A 162 23.96 17.07 -4.57
N GLN A 163 23.67 15.92 -3.97
CA GLN A 163 24.65 15.24 -3.14
C GLN A 163 25.80 14.67 -3.97
N PHE A 164 25.49 14.25 -5.21
CA PHE A 164 26.50 13.67 -6.10
C PHE A 164 27.07 14.71 -7.07
N LEU A 165 26.80 15.98 -6.81
CA LEU A 165 27.37 17.09 -7.58
C LEU A 165 27.02 17.00 -9.06
N VAL A 166 25.81 16.55 -9.34
CA VAL A 166 25.35 16.37 -10.72
C VAL A 166 24.88 17.71 -11.29
N GLU A 167 25.25 17.98 -12.53
CA GLU A 167 24.89 19.22 -13.18
C GLU A 167 23.41 19.25 -13.57
N PRO A 168 22.83 20.47 -13.66
CA PRO A 168 21.39 20.63 -13.86
C PRO A 168 20.84 20.23 -15.23
N GLN A 169 21.69 20.26 -16.26
CA GLN A 169 21.22 20.00 -17.62
C GLN A 169 21.13 18.51 -17.93
N GLU A 170 21.60 17.68 -17.00
CA GLU A 170 21.65 16.23 -17.21
C GLU A 170 20.38 15.50 -16.74
N ASP A 171 20.00 14.45 -17.48
CA ASP A 171 18.89 13.58 -17.05
C ASP A 171 19.39 12.45 -16.16
N THR A 172 18.63 12.18 -15.11
CA THR A 172 18.93 11.10 -14.20
C THR A 172 17.68 10.29 -13.93
N ARG A 173 17.84 9.03 -13.55
CA ARG A 173 16.72 8.19 -13.18
C ARG A 173 17.12 7.12 -12.18
N LEU A 174 16.13 6.49 -11.55
CA LEU A 174 16.41 5.60 -10.44
C LEU A 174 16.04 4.15 -10.71
N TRP A 175 16.88 3.24 -10.23
CA TRP A 175 16.63 1.80 -10.25
C TRP A 175 16.59 1.28 -8.83
N THR A 176 15.77 0.26 -8.58
CA THR A 176 15.76 -0.35 -7.26
C THR A 176 15.19 -1.77 -7.22
N LYS A 177 15.67 -2.52 -6.24
CA LYS A 177 15.24 -3.90 -5.98
C LYS A 177 14.17 -4.01 -4.91
N ASN A 178 12.95 -4.41 -5.26
CA ASN A 178 11.95 -4.55 -4.22
C ASN A 178 12.13 -5.92 -3.55
N SER A 179 11.33 -6.21 -2.53
CA SER A 179 11.48 -7.46 -1.78
C SER A 179 10.75 -8.64 -2.40
N GLU A 180 10.24 -8.46 -3.61
CA GLU A 180 9.56 -9.52 -4.34
C GLU A 180 10.43 -10.76 -4.65
N GLY A 181 11.64 -10.62 -5.19
CA GLY A 181 12.27 -9.35 -5.53
C GLY A 181 12.61 -9.22 -6.99
N SER A 182 12.68 -7.98 -7.46
CA SER A 182 12.94 -7.68 -8.86
C SER A 182 13.62 -6.32 -8.97
N LEU A 183 14.47 -6.16 -9.98
CA LEU A 183 15.07 -4.86 -10.21
C LEU A 183 14.23 -4.08 -11.21
N ASP A 184 13.69 -2.95 -10.78
CA ASP A 184 12.84 -2.14 -11.64
C ASP A 184 13.29 -0.70 -11.74
N ARG A 185 12.78 0.00 -12.75
CA ARG A 185 13.08 1.41 -12.88
C ARG A 185 11.93 2.16 -12.21
N LEU A 186 12.24 3.16 -11.39
CA LEU A 186 11.19 3.99 -10.80
C LEU A 186 10.75 5.08 -11.75
N CYS A 187 9.80 4.75 -12.62
CA CYS A 187 9.39 5.63 -13.71
C CYS A 187 8.33 6.66 -13.30
N ASN A 188 7.67 6.43 -12.17
CA ASN A 188 6.69 7.39 -11.68
C ASN A 188 7.24 8.19 -10.50
N THR A 189 7.82 9.34 -10.81
CA THR A 189 8.53 10.15 -9.82
C THR A 189 7.57 11.00 -8.99
N GLN A 190 6.27 10.90 -9.24
CA GLN A 190 5.32 11.73 -8.52
C GLN A 190 4.68 10.99 -7.35
N ILE A 191 5.26 9.87 -6.94
CA ILE A 191 4.68 9.09 -5.85
C ILE A 191 5.57 9.11 -4.62
N THR A 192 4.96 8.83 -3.47
CA THR A 192 5.68 8.80 -2.22
C THR A 192 6.53 7.55 -2.10
N LEU A 193 7.50 7.59 -1.19
CA LEU A 193 8.37 6.45 -0.97
C LEU A 193 7.57 5.33 -0.34
N LEU A 194 6.43 5.71 0.26
CA LEU A 194 5.56 4.74 0.88
C LEU A 194 4.78 4.00 -0.22
N ASP A 195 4.31 4.74 -1.21
CA ASP A 195 3.62 4.12 -2.34
C ASP A 195 4.59 3.28 -3.15
N ALA A 196 5.87 3.63 -3.09
CA ALA A 196 6.89 2.89 -3.81
C ALA A 196 7.28 1.61 -3.06
N CYS A 197 6.78 1.48 -1.84
CA CYS A 197 7.06 0.30 -1.00
C CYS A 197 8.56 0.11 -0.80
N LEU A 198 9.21 1.09 -0.20
CA LEU A 198 10.65 1.00 0.03
C LEU A 198 10.97 0.69 1.48
N GLU A 199 11.83 -0.30 1.69
CA GLU A 199 12.31 -0.60 3.03
C GLU A 199 13.49 0.32 3.33
N THR A 200 13.69 0.60 4.61
CA THR A 200 14.83 1.41 5.02
C THR A 200 16.10 0.58 4.81
N GLY A 201 17.14 1.24 4.35
CA GLY A 201 18.40 0.61 4.02
C GLY A 201 18.44 0.16 2.57
N GLN A 202 17.31 0.30 1.89
CA GLN A 202 17.20 -0.17 0.50
C GLN A 202 18.16 0.52 -0.46
N LEU A 203 18.75 -0.27 -1.36
CA LEU A 203 19.65 0.25 -2.36
C LEU A 203 18.90 0.91 -3.49
N VAL A 204 19.23 2.18 -3.76
CA VAL A 204 18.67 2.91 -4.88
C VAL A 204 19.80 3.40 -5.79
N ILE A 205 19.78 2.98 -7.04
CA ILE A 205 20.84 3.32 -7.98
C ILE A 205 20.40 4.43 -8.94
N MET A 206 21.09 5.56 -8.87
CA MET A 206 20.82 6.66 -9.77
C MET A 206 21.75 6.59 -10.98
N GLU A 207 21.18 6.82 -12.15
CA GLU A 207 21.92 6.74 -13.39
C GLU A 207 21.82 8.05 -14.15
N THR A 208 22.91 8.44 -14.81
CA THR A 208 22.93 9.67 -15.59
C THR A 208 22.95 9.34 -17.07
N ARG A 209 22.12 10.03 -17.84
CA ARG A 209 22.01 9.80 -19.27
C ARG A 209 23.32 10.14 -19.96
N ASN A 210 23.72 9.34 -20.95
CA ASN A 210 24.92 9.66 -21.72
C ASN A 210 24.61 10.77 -22.71
N LYS A 211 25.65 11.41 -23.23
CA LYS A 211 25.51 12.52 -24.17
C LYS A 211 24.73 12.14 -25.42
N ASP A 212 24.92 10.90 -25.89
CA ASP A 212 24.25 10.43 -27.10
C ASP A 212 22.77 10.13 -26.88
N GLY A 213 22.33 10.21 -25.63
CA GLY A 213 20.92 10.02 -25.31
C GLY A 213 20.61 8.63 -24.80
N THR A 214 21.61 7.76 -24.86
CA THR A 214 21.47 6.39 -24.38
C THR A 214 21.72 6.35 -22.88
N TRP A 215 21.18 5.32 -22.22
CA TRP A 215 21.42 5.14 -20.79
C TRP A 215 22.48 4.07 -20.57
N PRO A 216 23.43 4.34 -19.66
CA PRO A 216 24.48 3.36 -19.32
C PRO A 216 23.94 1.98 -18.97
N SER A 217 22.71 1.93 -18.47
CA SER A 217 22.08 0.67 -18.08
C SER A 217 21.43 -0.04 -19.27
N ALA A 218 21.51 0.58 -20.44
CA ALA A 218 20.87 0.04 -21.65
C ALA A 218 21.78 0.16 -22.88
N GLN A 219 23.03 -0.23 -22.72
CA GLN A 219 24.02 -0.16 -23.80
C GLN A 219 23.90 -1.30 -24.82
N LEU A 220 22.93 -2.19 -24.61
CA LEU A 220 22.69 -3.29 -25.54
C LEU A 220 21.27 -3.24 -26.09
N MET B 10 -30.85 -40.08 -0.75
CA MET B 10 -30.03 -39.06 -0.10
C MET B 10 -29.28 -39.68 1.07
N PRO B 11 -27.95 -39.48 1.13
CA PRO B 11 -27.17 -40.11 2.21
C PRO B 11 -27.53 -39.59 3.61
N ASP B 12 -27.09 -40.32 4.63
CA ASP B 12 -27.27 -39.88 6.01
C ASP B 12 -26.59 -38.55 6.28
N LEU B 13 -27.03 -37.89 7.35
CA LEU B 13 -26.51 -36.58 7.73
C LEU B 13 -25.02 -36.57 8.04
N ASP B 14 -24.56 -37.59 8.75
CA ASP B 14 -23.13 -37.72 9.05
C ASP B 14 -22.27 -37.73 7.79
N GLN B 15 -22.70 -38.50 6.80
CA GLN B 15 -21.95 -38.61 5.55
C GLN B 15 -21.94 -37.28 4.81
N GLN B 16 -23.05 -36.56 4.85
CA GLN B 16 -23.14 -35.25 4.23
C GLN B 16 -22.14 -34.29 4.87
N TRP B 17 -22.13 -34.27 6.20
CA TRP B 17 -21.20 -33.41 6.93
C TRP B 17 -19.77 -33.74 6.56
N ARG B 18 -19.44 -35.03 6.53
CA ARG B 18 -18.07 -35.44 6.24
C ARG B 18 -17.67 -35.11 4.80
N GLN B 19 -18.54 -35.42 3.85
CA GLN B 19 -18.18 -35.25 2.45
C GLN B 19 -18.09 -33.76 2.07
N ILE B 20 -18.92 -32.92 2.67
CA ILE B 20 -18.86 -31.49 2.40
C ILE B 20 -17.75 -30.80 3.20
N GLY B 21 -17.62 -31.16 4.49
CA GLY B 21 -16.58 -30.64 5.35
C GLY B 21 -15.16 -30.99 4.90
N ASN B 22 -14.97 -32.24 4.52
CA ASN B 22 -13.70 -32.70 4.00
C ASN B 22 -13.37 -31.98 2.70
N GLY B 23 -14.42 -31.64 1.95
CA GLY B 23 -14.24 -30.84 0.76
C GLY B 23 -13.72 -29.46 1.11
N ARG B 24 -14.39 -28.79 2.05
CA ARG B 24 -14.03 -27.42 2.42
C ARG B 24 -12.66 -27.26 3.03
N GLU B 25 -12.13 -28.29 3.66
CA GLU B 25 -10.82 -28.16 4.28
C GLU B 25 -9.73 -28.45 3.28
N ARG B 26 -9.95 -27.95 2.08
CA ARG B 26 -9.04 -28.08 0.95
C ARG B 26 -8.37 -26.73 0.66
N PRO B 27 -7.06 -26.73 0.45
CA PRO B 27 -6.37 -25.48 0.12
C PRO B 27 -6.70 -24.99 -1.29
N LEU B 28 -6.62 -23.67 -1.48
CA LEU B 28 -6.87 -23.06 -2.78
C LEU B 28 -5.67 -23.30 -3.70
N ARG B 29 -5.92 -23.84 -4.89
CA ARG B 29 -4.86 -24.07 -5.86
C ARG B 29 -5.16 -23.32 -7.15
N ALA B 30 -4.14 -22.69 -7.73
CA ALA B 30 -4.30 -21.85 -8.91
C ALA B 30 -5.02 -22.56 -10.05
N GLY B 31 -6.05 -21.91 -10.59
CA GLY B 31 -6.77 -22.46 -11.72
C GLY B 31 -7.93 -23.37 -11.36
N GLU B 32 -8.07 -23.67 -10.07
CA GLU B 32 -9.11 -24.59 -9.61
C GLU B 32 -10.47 -23.91 -9.60
N SER B 33 -11.51 -24.69 -9.92
CA SER B 33 -12.88 -24.17 -9.89
C SER B 33 -13.46 -24.32 -8.50
N TRP B 34 -13.98 -23.22 -7.97
CA TRP B 34 -14.73 -23.25 -6.72
C TRP B 34 -16.13 -22.72 -6.97
N PHE B 35 -17.05 -23.00 -6.05
CA PHE B 35 -18.44 -22.64 -6.25
C PHE B 35 -18.97 -21.91 -5.03
N LEU B 36 -19.76 -20.87 -5.29
CA LEU B 36 -20.34 -20.07 -4.22
C LEU B 36 -21.68 -20.63 -3.76
N VAL B 37 -21.88 -20.65 -2.45
CA VAL B 37 -23.14 -21.07 -1.87
C VAL B 37 -23.61 -19.96 -0.94
N GLU B 38 -24.84 -19.50 -1.13
CA GLU B 38 -25.38 -18.42 -0.34
C GLU B 38 -25.36 -18.79 1.16
N LYS B 39 -25.00 -17.80 1.97
CA LYS B 39 -24.76 -18.00 3.40
C LYS B 39 -25.93 -18.59 4.19
N HIS B 40 -27.12 -18.04 4.00
CA HIS B 40 -28.30 -18.48 4.74
C HIS B 40 -28.58 -19.95 4.47
N TRP B 41 -28.52 -20.33 3.20
CA TRP B 41 -28.78 -21.71 2.83
C TRP B 41 -27.76 -22.63 3.47
N TYR B 42 -26.48 -22.26 3.41
CA TYR B 42 -25.44 -23.11 3.96
C TYR B 42 -25.58 -23.27 5.47
N LYS B 43 -26.00 -22.21 6.17
CA LYS B 43 -26.20 -22.30 7.61
C LYS B 43 -27.39 -23.19 7.91
N GLN B 44 -28.42 -23.09 7.08
CA GLN B 44 -29.62 -23.91 7.26
C GLN B 44 -29.26 -25.38 7.06
N TRP B 45 -28.45 -25.65 6.03
CA TRP B 45 -27.99 -27.00 5.78
C TRP B 45 -27.15 -27.54 6.95
N GLU B 46 -26.24 -26.72 7.47
CA GLU B 46 -25.41 -27.11 8.62
C GLU B 46 -26.27 -27.44 9.83
N ALA B 47 -27.25 -26.58 10.09
CA ALA B 47 -28.16 -26.80 11.21
C ALA B 47 -28.89 -28.12 11.03
N TYR B 48 -29.40 -28.35 9.82
CA TYR B 48 -30.13 -29.58 9.49
C TYR B 48 -29.27 -30.81 9.70
N VAL B 49 -28.06 -30.77 9.15
CA VAL B 49 -27.16 -31.91 9.18
C VAL B 49 -26.70 -32.22 10.60
N LYS B 50 -26.53 -31.18 11.40
CA LYS B 50 -26.11 -31.35 12.78
C LYS B 50 -27.29 -31.70 13.68
N GLY B 51 -28.50 -31.53 13.17
CA GLY B 51 -29.72 -31.82 13.91
C GLY B 51 -29.94 -33.27 14.31
N GLY B 52 -29.48 -34.19 13.47
CA GLY B 52 -29.62 -35.61 13.75
C GLY B 52 -30.95 -36.20 13.34
N ASP B 53 -31.82 -35.37 12.75
CA ASP B 53 -33.13 -35.81 12.31
C ASP B 53 -33.31 -35.48 10.82
N GLN B 54 -33.39 -36.52 10.00
CA GLN B 54 -33.43 -36.35 8.55
C GLN B 54 -34.76 -35.74 8.07
N ASP B 55 -35.77 -35.78 8.92
CA ASP B 55 -37.08 -35.26 8.57
C ASP B 55 -37.40 -33.95 9.27
N ALA B 56 -36.37 -33.33 9.86
CA ALA B 56 -36.55 -32.09 10.60
C ALA B 56 -36.95 -30.93 9.70
N SER B 57 -37.63 -29.94 10.27
CA SER B 57 -38.11 -28.78 9.52
C SER B 57 -36.95 -27.88 9.12
N THR B 58 -35.76 -28.18 9.64
CA THR B 58 -34.57 -27.44 9.29
C THR B 58 -34.06 -27.84 7.91
N PHE B 59 -34.80 -28.71 7.23
CA PHE B 59 -34.45 -29.15 5.88
C PHE B 59 -34.27 -27.93 4.98
N PRO B 60 -33.05 -27.75 4.46
CA PRO B 60 -32.64 -26.52 3.76
C PRO B 60 -33.34 -26.31 2.42
N GLY B 61 -33.89 -27.38 1.86
CA GLY B 61 -34.51 -27.29 0.55
C GLY B 61 -33.46 -27.23 -0.55
N SER B 62 -33.90 -26.97 -1.77
CA SER B 62 -32.96 -26.90 -2.90
C SER B 62 -31.97 -25.77 -2.72
N ILE B 63 -30.77 -25.93 -3.27
CA ILE B 63 -29.76 -24.91 -3.16
C ILE B 63 -30.25 -23.62 -3.81
N ASN B 64 -30.32 -22.56 -3.02
CA ASN B 64 -30.84 -21.29 -3.49
C ASN B 64 -29.82 -20.15 -3.39
N ASN B 65 -29.29 -19.73 -4.54
CA ASN B 65 -28.32 -18.62 -4.57
C ASN B 65 -28.95 -17.34 -5.06
N SER B 66 -30.27 -17.22 -4.86
CA SER B 66 -31.04 -16.05 -5.27
C SER B 66 -30.46 -14.77 -4.70
N GLY B 67 -30.05 -14.83 -3.43
CA GLY B 67 -29.54 -13.66 -2.75
C GLY B 67 -28.20 -13.20 -3.30
N LEU B 68 -27.58 -14.02 -4.14
CA LEU B 68 -26.30 -13.61 -4.70
C LEU B 68 -26.46 -12.96 -6.07
N PHE B 69 -27.63 -13.13 -6.68
CA PHE B 69 -27.85 -12.56 -8.00
C PHE B 69 -28.55 -11.20 -8.01
N GLU B 70 -27.99 -10.28 -8.78
CA GLU B 70 -28.61 -9.00 -9.05
C GLU B 70 -29.79 -9.23 -9.97
N ASP B 71 -29.58 -10.12 -10.93
CA ASP B 71 -30.57 -10.40 -11.95
C ASP B 71 -30.64 -11.88 -12.26
N GLN B 72 -31.85 -12.38 -12.51
CA GLN B 72 -32.07 -13.79 -12.79
C GLN B 72 -32.37 -14.03 -14.26
N ILE B 73 -31.88 -13.12 -15.10
CA ILE B 73 -32.07 -13.21 -16.54
C ILE B 73 -30.71 -13.24 -17.22
N SER B 74 -29.80 -12.42 -16.72
CA SER B 74 -28.45 -12.34 -17.26
C SER B 74 -27.49 -13.06 -16.34
N TRP B 75 -27.99 -13.46 -15.17
CA TRP B 75 -27.19 -14.21 -14.21
CA TRP B 75 -27.23 -14.19 -14.16
C TRP B 75 -26.01 -13.43 -13.68
N HIS B 76 -26.14 -12.11 -13.55
CA HIS B 76 -25.01 -11.37 -13.03
C HIS B 76 -25.05 -11.36 -11.52
N LEU B 77 -23.87 -11.32 -10.91
CA LEU B 77 -23.78 -11.34 -9.48
C LEU B 77 -24.00 -9.96 -8.93
N ARG B 78 -24.66 -9.92 -7.78
CA ARG B 78 -24.82 -8.72 -6.99
C ARG B 78 -23.42 -8.20 -6.67
N GLU B 79 -23.20 -6.89 -6.59
CA GLU B 79 -21.87 -6.39 -6.27
C GLU B 79 -21.56 -6.44 -4.77
N ARG B 80 -20.26 -6.36 -4.45
CA ARG B 80 -19.81 -6.21 -3.07
C ARG B 80 -20.16 -7.41 -2.19
N LEU B 81 -20.14 -8.61 -2.76
CA LEU B 81 -20.34 -9.83 -1.97
C LEU B 81 -19.04 -10.15 -1.25
N VAL B 82 -19.16 -10.48 0.03
CA VAL B 82 -18.00 -10.78 0.85
C VAL B 82 -17.98 -12.24 1.31
N GLU B 83 -16.84 -12.89 1.13
CA GLU B 83 -16.70 -14.27 1.55
C GLU B 83 -16.89 -14.43 3.05
N GLY B 84 -17.69 -15.42 3.44
CA GLY B 84 -17.95 -15.69 4.83
C GLY B 84 -19.22 -15.06 5.36
N ASP B 85 -19.57 -13.90 4.82
CA ASP B 85 -20.74 -13.18 5.28
CA ASP B 85 -20.74 -13.17 5.28
C ASP B 85 -21.91 -13.31 4.31
N ASP B 86 -21.61 -13.35 3.02
CA ASP B 86 -22.65 -13.49 2.01
C ASP B 86 -22.65 -14.89 1.39
N TYR B 87 -21.48 -15.51 1.32
CA TYR B 87 -21.39 -16.84 0.71
C TYR B 87 -20.30 -17.70 1.31
N VAL B 88 -20.40 -18.99 1.01
CA VAL B 88 -19.41 -19.99 1.39
C VAL B 88 -18.83 -20.60 0.12
N LEU B 89 -17.54 -20.89 0.10
CA LEU B 89 -16.93 -21.51 -1.07
C LEU B 89 -16.76 -23.02 -0.91
N LEU B 90 -17.16 -23.76 -1.95
CA LEU B 90 -16.99 -25.21 -2.01
C LEU B 90 -16.21 -25.63 -3.25
N PRO B 91 -15.34 -26.65 -3.11
CA PRO B 91 -14.66 -27.27 -4.26
C PRO B 91 -15.68 -27.95 -5.17
N ALA B 92 -15.26 -28.26 -6.40
CA ALA B 92 -16.10 -28.97 -7.37
C ALA B 92 -16.76 -30.27 -6.85
N PRO B 93 -16.00 -31.16 -6.18
CA PRO B 93 -16.68 -32.39 -5.75
C PRO B 93 -17.76 -32.15 -4.69
N ALA B 94 -17.46 -31.33 -3.68
CA ALA B 94 -18.43 -31.01 -2.64
C ALA B 94 -19.67 -30.37 -3.24
N TRP B 95 -19.44 -29.44 -4.16
CA TRP B 95 -20.53 -28.76 -4.86
C TRP B 95 -21.41 -29.75 -5.62
N ASN B 96 -20.76 -30.64 -6.37
CA ASN B 96 -21.47 -31.67 -7.13
C ASN B 96 -22.31 -32.58 -6.22
N TYR B 97 -21.77 -32.91 -5.06
CA TYR B 97 -22.52 -33.69 -4.08
C TYR B 97 -23.76 -32.96 -3.60
N LEU B 98 -23.59 -31.70 -3.17
CA LEU B 98 -24.70 -30.89 -2.67
C LEU B 98 -25.80 -30.77 -3.71
N VAL B 99 -25.40 -30.51 -4.96
CA VAL B 99 -26.35 -30.43 -6.07
C VAL B 99 -27.07 -31.76 -6.28
N SER B 100 -26.30 -32.84 -6.20
CA SER B 100 -26.84 -34.18 -6.34
C SER B 100 -27.90 -34.48 -5.27
N TRP B 101 -27.68 -33.97 -4.07
CA TRP B 101 -28.56 -34.26 -2.94
C TRP B 101 -29.79 -33.35 -2.86
N TYR B 102 -29.61 -32.07 -3.14
CA TYR B 102 -30.68 -31.09 -2.92
C TYR B 102 -31.17 -30.39 -4.19
N GLY B 103 -30.35 -30.42 -5.24
CA GLY B 103 -30.73 -29.82 -6.50
C GLY B 103 -30.59 -28.31 -6.47
N LEU B 104 -30.78 -27.69 -7.64
CA LEU B 104 -30.69 -26.23 -7.74
C LEU B 104 -32.07 -25.61 -7.81
N LYS B 105 -32.23 -24.48 -7.13
CA LYS B 105 -33.51 -23.78 -7.11
C LYS B 105 -33.84 -23.26 -8.50
N ASP B 106 -35.01 -23.68 -8.99
CA ASP B 106 -35.53 -23.26 -10.29
C ASP B 106 -34.51 -23.50 -11.40
N ASP B 107 -34.20 -22.46 -12.15
CA ASP B 107 -33.26 -22.55 -13.26
C ASP B 107 -31.94 -21.85 -12.98
N GLN B 108 -31.63 -21.63 -11.71
CA GLN B 108 -30.38 -20.96 -11.36
C GLN B 108 -29.17 -21.76 -11.82
N PRO B 109 -28.20 -21.07 -12.43
CA PRO B 109 -26.94 -21.69 -12.82
C PRO B 109 -25.98 -21.72 -11.64
N PRO B 110 -25.04 -22.67 -11.66
CA PRO B 110 -24.00 -22.70 -10.61
C PRO B 110 -23.10 -21.47 -10.73
N ILE B 111 -22.59 -20.98 -9.60
CA ILE B 111 -21.68 -19.85 -9.63
C ILE B 111 -20.24 -20.35 -9.53
N GLU B 112 -19.65 -20.63 -10.69
CA GLU B 112 -18.30 -21.17 -10.74
C GLU B 112 -17.27 -20.07 -10.95
N ARG B 113 -16.29 -20.01 -10.05
CA ARG B 113 -15.24 -19.00 -10.15
C ARG B 113 -13.86 -19.64 -10.02
N LYS B 114 -12.85 -19.01 -10.62
CA LYS B 114 -11.52 -19.60 -10.62
C LYS B 114 -10.62 -19.04 -9.53
N VAL B 115 -9.73 -19.88 -9.05
CA VAL B 115 -8.68 -19.48 -8.13
C VAL B 115 -7.54 -18.83 -8.90
N ILE B 116 -7.12 -17.66 -8.46
CA ILE B 116 -6.01 -16.95 -9.09
C ILE B 116 -4.85 -16.80 -8.10
N GLU B 117 -3.65 -16.54 -8.64
CA GLU B 117 -2.46 -16.33 -7.81
C GLU B 117 -1.96 -14.89 -7.81
N LEU B 118 -1.88 -14.35 -6.59
CA LEU B 118 -1.30 -13.04 -6.36
C LEU B 118 -0.05 -13.21 -5.50
N PRO B 119 0.86 -12.24 -5.55
CA PRO B 119 2.06 -12.35 -4.72
C PRO B 119 1.71 -12.36 -3.23
N GLY B 120 1.85 -13.51 -2.60
CA GLY B 120 1.65 -13.62 -1.16
C GLY B 120 0.27 -14.13 -0.81
N ILE B 121 -0.63 -14.18 -1.78
CA ILE B 121 -1.98 -14.63 -1.48
C ILE B 121 -2.64 -15.26 -2.68
N ARG B 122 -3.47 -16.26 -2.42
CA ARG B 122 -4.19 -16.95 -3.47
C ARG B 122 -5.69 -16.84 -3.20
N LYS B 123 -6.49 -16.55 -4.23
CA LYS B 123 -7.91 -16.41 -3.91
C LYS B 123 -8.82 -16.66 -5.08
N VAL B 124 -10.07 -16.99 -4.77
CA VAL B 124 -11.11 -17.14 -5.78
C VAL B 124 -11.54 -15.80 -6.34
N GLU B 125 -11.35 -15.61 -7.64
CA GLU B 125 -11.74 -14.35 -8.26
C GLU B 125 -13.23 -14.36 -8.57
N VAL B 126 -14.02 -13.89 -7.62
CA VAL B 126 -15.47 -13.81 -7.80
C VAL B 126 -15.83 -12.70 -8.79
N TYR B 127 -15.12 -11.58 -8.71
CA TYR B 127 -15.35 -10.41 -9.57
C TYR B 127 -14.13 -10.10 -10.41
N PRO B 128 -14.12 -10.53 -11.68
CA PRO B 128 -13.03 -10.06 -12.53
C PRO B 128 -13.16 -8.56 -12.76
N ILE B 129 -12.09 -7.90 -13.17
CA ILE B 129 -12.15 -6.45 -13.32
C ILE B 129 -12.71 -6.11 -14.69
N GLU B 130 -13.57 -5.09 -14.72
CA GLU B 130 -14.14 -4.62 -15.98
C GLU B 130 -13.47 -3.30 -16.34
N LEU B 131 -12.88 -3.23 -17.53
CA LEU B 131 -12.24 -1.98 -17.92
C LEU B 131 -12.90 -1.39 -19.17
N LEU B 132 -13.08 -0.07 -19.15
CA LEU B 132 -13.60 0.64 -20.31
C LEU B 132 -12.42 1.17 -21.11
N LEU B 133 -12.06 0.47 -22.17
CA LEU B 133 -10.92 0.84 -22.99
C LEU B 133 -11.33 1.84 -24.05
N VAL B 134 -10.60 2.94 -24.15
CA VAL B 134 -10.89 3.98 -25.12
C VAL B 134 -9.64 4.51 -25.80
N GLN B 135 -9.69 4.65 -27.11
CA GLN B 135 -8.62 5.29 -27.85
C GLN B 135 -8.72 6.82 -27.72
N HIS B 136 -7.58 7.45 -27.46
CA HIS B 136 -7.49 8.89 -27.24
C HIS B 136 -8.01 9.72 -28.41
N SER B 137 -7.80 9.20 -29.62
CA SER B 137 -8.19 9.91 -30.83
C SER B 137 -9.54 9.46 -31.36
N ASP B 138 -10.22 8.60 -30.61
CA ASP B 138 -11.55 8.13 -30.99
C ASP B 138 -12.35 7.77 -29.75
N MET B 139 -12.78 8.79 -29.02
CA MET B 139 -13.36 8.63 -27.70
C MET B 139 -14.77 8.06 -27.72
N GLU B 140 -15.43 8.10 -28.88
CA GLU B 140 -16.79 7.57 -28.99
C GLU B 140 -16.77 6.05 -29.05
N THR B 141 -15.65 5.47 -29.44
CA THR B 141 -15.55 4.02 -29.50
C THR B 141 -14.96 3.49 -28.21
N ALA B 142 -15.83 3.18 -27.27
CA ALA B 142 -15.42 2.66 -25.97
C ALA B 142 -15.78 1.19 -25.87
N LEU B 143 -14.78 0.37 -25.58
CA LEU B 143 -15.01 -1.06 -25.47
C LEU B 143 -14.99 -1.51 -24.03
N THR B 144 -16.03 -2.21 -23.62
CA THR B 144 -16.08 -2.77 -22.29
C THR B 144 -15.45 -4.14 -22.32
N ILE B 145 -14.24 -4.25 -21.77
CA ILE B 145 -13.49 -5.50 -21.81
C ILE B 145 -13.19 -6.00 -20.39
N GLN B 146 -13.34 -7.30 -20.20
CA GLN B 146 -13.16 -7.95 -18.91
C GLN B 146 -11.77 -8.57 -18.75
N PHE B 147 -11.10 -8.25 -17.65
CA PHE B 147 -9.77 -8.76 -17.35
C PHE B 147 -9.72 -9.41 -15.98
N SER B 148 -8.59 -10.03 -15.66
CA SER B 148 -8.34 -10.57 -14.32
C SER B 148 -7.42 -9.68 -13.51
N TYR B 149 -7.59 -9.68 -12.19
CA TYR B 149 -6.72 -8.92 -11.29
C TYR B 149 -5.29 -9.45 -11.33
N SER B 150 -5.12 -10.69 -11.76
CA SER B 150 -3.80 -11.30 -11.85
C SER B 150 -3.12 -10.93 -13.16
N ASP B 151 -3.89 -10.44 -14.11
CA ASP B 151 -3.34 -10.04 -15.40
C ASP B 151 -2.43 -8.82 -15.23
N SER B 152 -1.47 -8.67 -16.14
CA SER B 152 -0.54 -7.56 -16.10
C SER B 152 -1.10 -6.34 -16.83
N VAL B 153 -0.52 -5.19 -16.57
CA VAL B 153 -0.89 -3.97 -17.27
C VAL B 153 -0.56 -4.14 -18.75
N ASP B 154 0.52 -4.87 -19.02
CA ASP B 154 0.94 -5.11 -20.40
C ASP B 154 -0.12 -5.86 -21.19
N LEU B 155 -0.83 -6.76 -20.51
CA LEU B 155 -1.89 -7.51 -21.18
C LEU B 155 -3.04 -6.60 -21.55
N VAL B 156 -3.38 -5.65 -20.68
CA VAL B 156 -4.38 -4.65 -21.02
C VAL B 156 -3.93 -3.81 -22.21
N LEU B 157 -2.66 -3.41 -22.21
CA LEU B 157 -2.10 -2.61 -23.28
C LEU B 157 -2.12 -3.33 -24.63
N GLN B 158 -1.74 -4.60 -24.63
CA GLN B 158 -1.72 -5.40 -25.86
C GLN B 158 -3.14 -5.64 -26.38
N THR B 159 -4.05 -5.95 -25.46
CA THR B 159 -5.45 -6.10 -25.83
C THR B 159 -5.99 -4.83 -26.46
N ALA B 160 -5.65 -3.69 -25.86
CA ALA B 160 -6.06 -2.41 -26.42
C ALA B 160 -5.42 -2.18 -27.77
N ARG B 161 -4.16 -2.57 -27.91
CA ARG B 161 -3.44 -2.38 -29.16
C ARG B 161 -4.10 -3.13 -30.30
N GLU B 162 -4.50 -4.37 -30.05
CA GLU B 162 -5.11 -5.16 -31.12
C GLU B 162 -6.58 -4.81 -31.33
N GLN B 163 -7.29 -4.45 -30.27
CA GLN B 163 -8.68 -4.06 -30.45
C GLN B 163 -8.81 -2.71 -31.14
N PHE B 164 -7.83 -1.83 -30.92
CA PHE B 164 -7.86 -0.50 -31.51
C PHE B 164 -7.03 -0.46 -32.79
N LEU B 165 -6.65 -1.65 -33.26
CA LEU B 165 -6.02 -1.80 -34.57
C LEU B 165 -4.73 -1.01 -34.78
N VAL B 166 -3.88 -0.93 -33.76
CA VAL B 166 -2.66 -0.14 -33.87
C VAL B 166 -1.56 -0.93 -34.60
N GLU B 167 -0.79 -0.24 -35.43
CA GLU B 167 0.28 -0.87 -36.18
C GLU B 167 1.43 -1.27 -35.23
N PRO B 168 2.23 -2.27 -35.61
CA PRO B 168 3.25 -2.80 -34.68
C PRO B 168 4.39 -1.85 -34.33
N GLN B 169 4.70 -0.92 -35.23
CA GLN B 169 5.83 -0.03 -35.05
C GLN B 169 5.47 1.18 -34.21
N GLU B 170 4.20 1.33 -33.89
CA GLU B 170 3.72 2.50 -33.16
C GLU B 170 3.88 2.33 -31.66
N ASP B 171 4.20 3.44 -30.98
CA ASP B 171 4.31 3.42 -29.52
C ASP B 171 2.96 3.77 -28.90
N THR B 172 2.58 3.05 -27.85
CA THR B 172 1.34 3.35 -27.14
C THR B 172 1.51 3.32 -25.63
N ARG B 173 0.64 4.02 -24.93
CA ARG B 173 0.66 3.97 -23.47
C ARG B 173 -0.71 4.25 -22.87
N LEU B 174 -0.86 3.94 -21.60
CA LEU B 174 -2.18 3.98 -20.96
C LEU B 174 -2.30 5.01 -19.86
N TRP B 175 -3.48 5.63 -19.81
CA TRP B 175 -3.84 6.55 -18.75
C TRP B 175 -5.05 5.98 -18.03
N THR B 176 -5.13 6.20 -16.73
CA THR B 176 -6.30 5.76 -15.96
C THR B 176 -6.35 6.55 -14.66
N LYS B 177 -7.52 6.60 -14.04
CA LYS B 177 -7.65 7.40 -12.83
C LYS B 177 -7.23 6.60 -11.60
N ASN B 178 -6.04 6.94 -11.12
CA ASN B 178 -5.39 6.33 -9.96
C ASN B 178 -5.74 6.99 -8.63
N SER B 179 -7.00 6.88 -8.24
CA SER B 179 -7.46 7.46 -6.97
C SER B 179 -7.28 8.99 -6.85
N GLU B 180 -7.72 9.53 -5.72
CA GLU B 180 -7.59 10.95 -5.42
C GLU B 180 -6.13 11.41 -5.43
N GLY B 181 -5.87 12.56 -6.04
CA GLY B 181 -6.91 13.34 -6.70
C GLY B 181 -6.57 13.60 -8.16
N SER B 182 -6.01 12.61 -8.83
CA SER B 182 -5.58 12.79 -10.21
C SER B 182 -5.51 11.48 -11.00
N LEU B 183 -5.65 11.60 -12.32
CA LEU B 183 -5.47 10.47 -13.22
C LEU B 183 -4.00 10.36 -13.60
N ASP B 184 -3.46 9.15 -13.52
CA ASP B 184 -2.04 8.92 -13.75
C ASP B 184 -1.76 8.00 -14.94
N ARG B 185 -0.51 8.01 -15.35
CA ARG B 185 -0.01 7.20 -16.45
C ARG B 185 0.53 5.87 -15.94
N LEU B 186 0.14 4.79 -16.61
CA LEU B 186 0.60 3.45 -16.26
C LEU B 186 1.94 3.20 -16.93
N CYS B 187 3.01 3.66 -16.30
CA CYS B 187 4.33 3.58 -16.92
C CYS B 187 5.01 2.23 -16.62
N ASN B 188 4.51 1.52 -15.62
CA ASN B 188 5.05 0.20 -15.30
C ASN B 188 4.10 -0.92 -15.75
N THR B 189 4.31 -1.42 -16.95
CA THR B 189 3.39 -2.38 -17.56
C THR B 189 3.59 -3.82 -17.07
N GLN B 190 4.56 -4.03 -16.19
CA GLN B 190 4.85 -5.37 -15.72
C GLN B 190 4.26 -5.67 -14.34
N ILE B 191 3.27 -4.88 -13.92
CA ILE B 191 2.63 -5.10 -12.63
C ILE B 191 1.19 -5.55 -12.84
N THR B 192 0.62 -6.20 -11.83
CA THR B 192 -0.74 -6.70 -11.93
C THR B 192 -1.76 -5.58 -11.83
N LEU B 193 -2.98 -5.85 -12.28
CA LEU B 193 -4.05 -4.88 -12.25
C LEU B 193 -4.51 -4.59 -10.81
N LEU B 194 -4.18 -5.48 -9.90
CA LEU B 194 -4.48 -5.23 -8.49
C LEU B 194 -3.43 -4.30 -7.88
N ASP B 195 -2.17 -4.52 -8.22
CA ASP B 195 -1.09 -3.67 -7.71
C ASP B 195 -1.19 -2.27 -8.27
N ALA B 196 -1.80 -2.13 -9.44
CA ALA B 196 -1.98 -0.83 -10.06
C ALA B 196 -3.14 -0.08 -9.41
N CYS B 197 -3.86 -0.77 -8.53
CA CYS B 197 -5.02 -0.23 -7.83
C CYS B 197 -6.07 0.28 -8.83
N LEU B 198 -6.56 -0.62 -9.66
CA LEU B 198 -7.59 -0.27 -10.63
C LEU B 198 -8.93 -0.81 -10.15
N GLU B 199 -9.93 0.06 -10.07
CA GLU B 199 -11.27 -0.38 -9.71
C GLU B 199 -12.06 -0.83 -10.93
N THR B 200 -13.03 -1.71 -10.73
CA THR B 200 -13.83 -2.16 -11.86
C THR B 200 -14.68 -0.99 -12.37
N GLY B 201 -14.79 -0.89 -13.69
CA GLY B 201 -15.50 0.19 -14.34
C GLY B 201 -14.58 1.36 -14.64
N GLN B 202 -13.32 1.28 -14.21
CA GLN B 202 -12.40 2.38 -14.46
C GLN B 202 -12.16 2.62 -15.95
N LEU B 203 -12.08 3.90 -16.30
CA LEU B 203 -11.77 4.31 -17.66
C LEU B 203 -10.27 4.18 -17.92
N VAL B 204 -9.90 3.50 -19.00
CA VAL B 204 -8.51 3.44 -19.39
C VAL B 204 -8.35 3.98 -20.81
N ILE B 205 -7.56 5.04 -20.94
CA ILE B 205 -7.38 5.70 -22.23
C ILE B 205 -6.01 5.38 -22.82
N MET B 206 -6.01 4.74 -23.98
CA MET B 206 -4.76 4.44 -24.67
C MET B 206 -4.47 5.55 -25.68
N GLU B 207 -3.22 6.01 -25.72
CA GLU B 207 -2.83 7.05 -26.67
C GLU B 207 -1.64 6.58 -27.49
N THR B 208 -1.59 6.99 -28.75
CA THR B 208 -0.52 6.62 -29.65
C THR B 208 0.39 7.80 -29.94
N ARG B 209 1.70 7.59 -29.83
CA ARG B 209 2.69 8.66 -30.06
C ARG B 209 2.66 9.17 -31.50
N ASN B 210 2.83 10.48 -31.64
CA ASN B 210 2.86 11.11 -32.95
C ASN B 210 4.20 10.91 -33.65
N LYS B 211 4.22 11.18 -34.95
CA LYS B 211 5.42 10.99 -35.76
C LYS B 211 6.59 11.79 -35.23
N ASP B 212 6.33 13.01 -34.75
CA ASP B 212 7.39 13.89 -34.28
C ASP B 212 7.92 13.46 -32.91
N GLY B 213 7.26 12.47 -32.31
CA GLY B 213 7.67 11.93 -31.04
C GLY B 213 6.86 12.45 -29.86
N THR B 214 5.98 13.41 -30.11
CA THR B 214 5.15 13.97 -29.05
C THR B 214 3.92 13.10 -28.81
N TRP B 215 3.36 13.19 -27.60
CA TRP B 215 2.15 12.47 -27.26
C TRP B 215 0.91 13.37 -27.34
N PRO B 216 -0.17 12.86 -27.93
CA PRO B 216 -1.44 13.59 -28.04
C PRO B 216 -1.95 14.14 -26.72
N SER B 217 -1.56 13.52 -25.62
CA SER B 217 -2.02 13.92 -24.31
C SER B 217 -1.25 15.11 -23.77
N ALA B 218 -0.28 15.58 -24.55
CA ALA B 218 0.52 16.74 -24.15
C ALA B 218 0.76 17.69 -25.30
N GLN B 219 -0.25 17.90 -26.14
CA GLN B 219 -0.11 18.83 -27.26
C GLN B 219 -0.37 20.27 -26.83
N LEU B 220 -0.96 20.43 -25.65
CA LEU B 220 -1.28 21.74 -25.12
C LEU B 220 -0.66 21.87 -23.74
N GLU B 221 0.27 20.98 -23.45
CA GLU B 221 1.08 21.09 -22.26
C GLU B 221 1.87 22.40 -22.35
N HIS B 222 2.18 22.99 -21.21
CA HIS B 222 2.73 24.34 -21.14
C HIS B 222 3.97 24.54 -22.01
N HIS B 223 4.88 23.58 -21.97
CA HIS B 223 6.17 23.73 -22.64
C HIS B 223 6.08 23.40 -24.13
N HIS B 224 4.98 22.77 -24.53
CA HIS B 224 4.71 22.56 -25.95
C HIS B 224 4.28 23.89 -26.57
N HIS B 225 4.55 24.05 -27.86
CA HIS B 225 4.23 25.29 -28.57
C HIS B 225 2.74 25.54 -28.63
#